data_4RXL
#
_entry.id   4RXL
#
_cell.length_a   36.445
_cell.length_b   56.633
_cell.length_c   50.146
_cell.angle_alpha   90.00
_cell.angle_beta   90.26
_cell.angle_gamma   90.00
#
_symmetry.space_group_name_H-M   'P 1 21 1'
#
loop_
_entity.id
_entity.type
_entity.pdbx_description
1 polymer 'Molybdenum ABC transporter, periplasmic molybdenum-binding protein'
2 non-polymer TUNGSTATE(VI)ION
3 water water
#
_entity_poly.entity_id   1
_entity_poly.type   'polypeptide(L)'
_entity_poly.pdbx_seq_one_letter_code
;SMKETLHIYAASSMTNAVNALVADYSQQHDVKLVTVYGGSSSLARQIEAGAPADLFISANEEWANYLVEKGLVKPNKVVT
LAANSLVLIRPTAQPVASFELQDAAAWQTALADSRLAVAQVDAVPAGMYAKQALQHAGVWPELESRLAQTNNVRLALALV
ERGESPLGIVYKTDALLSDKVTIVTAFSAQSHQPIRYPLAQLNDKAASAEWVAYLRSDAAQQILQRFGFESVSE
;
_entity_poly.pdbx_strand_id   A
#
loop_
_chem_comp.id
_chem_comp.type
_chem_comp.name
_chem_comp.formula
WO4 non-polymer TUNGSTATE(VI)ION 'O4 W -2'
#
# COMPACT_ATOMS: atom_id res chain seq x y z
N THR A 5 2.58 -10.70 -23.92
CA THR A 5 2.98 -9.74 -22.83
C THR A 5 1.81 -9.28 -21.92
N LEU A 6 1.84 -9.70 -20.64
CA LEU A 6 0.86 -9.22 -19.64
C LEU A 6 1.39 -8.03 -18.85
N HIS A 7 0.55 -7.00 -18.70
CA HIS A 7 0.89 -5.78 -17.97
C HIS A 7 0.14 -5.71 -16.66
N ILE A 8 0.89 -5.71 -15.57
CA ILE A 8 0.36 -5.69 -14.24
C ILE A 8 0.65 -4.33 -13.61
N TYR A 9 -0.40 -3.64 -13.21
CA TYR A 9 -0.30 -2.36 -12.51
C TYR A 9 -0.57 -2.63 -11.05
N ALA A 10 0.33 -2.28 -10.13
CA ALA A 10 0.16 -2.63 -8.73
C ALA A 10 0.61 -1.51 -7.81
N ALA A 11 -0.18 -1.30 -6.74
CA ALA A 11 0.19 -0.40 -5.67
C ALA A 11 1.65 -0.60 -5.25
N SER A 12 2.33 0.50 -4.99
CA SER A 12 3.70 0.44 -4.59
C SER A 12 3.97 -0.48 -3.41
N SER A 13 3.05 -0.61 -2.45
CA SER A 13 3.31 -1.47 -1.31
C SER A 13 3.38 -2.95 -1.74
N MET A 14 2.89 -3.26 -2.94
CA MET A 14 2.97 -4.62 -3.50
C MET A 14 4.25 -4.95 -4.27
N THR A 15 5.18 -4.01 -4.32
CA THR A 15 6.35 -4.10 -5.20
C THR A 15 7.08 -5.43 -4.99
N ASN A 16 7.47 -5.70 -3.75
CA ASN A 16 8.32 -6.83 -3.50
C ASN A 16 7.60 -8.15 -3.64
N ALA A 17 6.38 -8.21 -3.13
CA ALA A 17 5.58 -9.42 -3.20
C ALA A 17 5.26 -9.78 -4.63
N VAL A 18 4.89 -8.79 -5.45
CA VAL A 18 4.58 -9.09 -6.85
C VAL A 18 5.86 -9.50 -7.57
N ASN A 19 6.99 -8.88 -7.26
CA ASN A 19 8.22 -9.31 -7.87
C ASN A 19 8.50 -10.81 -7.56
N ALA A 20 8.31 -11.20 -6.29
CA ALA A 20 8.45 -12.57 -5.87
C ALA A 20 7.44 -13.51 -6.54
N LEU A 21 6.21 -13.05 -6.69
CA LEU A 21 5.16 -13.83 -7.35
C LEU A 21 5.43 -14.05 -8.83
N VAL A 22 5.87 -12.99 -9.51
CA VAL A 22 6.31 -13.08 -10.91
C VAL A 22 7.45 -14.07 -11.09
N ALA A 23 8.42 -14.02 -10.19
CA ALA A 23 9.56 -14.91 -10.23
C ALA A 23 9.15 -16.38 -10.08
N ASP A 24 8.26 -16.66 -9.12
CA ASP A 24 7.79 -18.02 -8.84
C ASP A 24 7.01 -18.55 -10.04
N TYR A 25 6.01 -17.79 -10.46
CA TYR A 25 5.21 -18.12 -11.63
C TYR A 25 6.04 -18.28 -12.91
N SER A 26 7.04 -17.42 -13.11
CA SER A 26 7.77 -17.37 -14.40
C SER A 26 8.60 -18.63 -14.70
N GLN A 27 8.85 -19.46 -13.69
CA GLN A 27 9.55 -20.72 -13.91
C GLN A 27 8.69 -21.82 -14.54
N GLN A 28 7.39 -21.84 -14.21
CA GLN A 28 6.49 -22.87 -14.73
C GLN A 28 5.79 -22.47 -16.04
N HIS A 29 5.80 -21.18 -16.38
CA HIS A 29 4.99 -20.67 -17.50
C HIS A 29 5.80 -19.73 -18.40
N ASP A 30 5.67 -19.90 -19.71
CA ASP A 30 6.40 -19.08 -20.70
C ASP A 30 5.61 -17.83 -21.08
N VAL A 31 5.58 -16.89 -20.14
CA VAL A 31 4.90 -15.60 -20.34
C VAL A 31 5.78 -14.50 -19.79
N LYS A 32 5.74 -13.37 -20.48
CA LYS A 32 6.45 -12.20 -20.08
C LYS A 32 5.47 -11.34 -19.29
N LEU A 33 5.75 -11.18 -18.00
CA LEU A 33 4.95 -10.34 -17.13
C LEU A 33 5.72 -9.04 -16.93
N VAL A 34 5.09 -7.93 -17.33
CA VAL A 34 5.64 -6.58 -17.17
C VAL A 34 4.89 -5.86 -16.05
N THR A 35 5.62 -5.20 -15.14
CA THR A 35 5.06 -4.58 -13.93
C THR A 35 5.29 -3.09 -13.88
N VAL A 36 4.26 -2.37 -13.44
CA VAL A 36 4.28 -0.94 -13.23
C VAL A 36 3.76 -0.71 -11.83
N TYR A 37 4.57 -0.07 -10.97
CA TYR A 37 4.25 0.17 -9.57
C TYR A 37 4.07 1.68 -9.35
N GLY A 38 3.16 2.03 -8.47
CA GLY A 38 2.91 3.43 -8.18
C GLY A 38 1.76 3.55 -7.23
N GLY A 39 1.38 4.77 -6.91
CA GLY A 39 0.26 4.96 -5.98
C GLY A 39 -1.00 4.46 -6.69
N SER A 40 -1.88 3.82 -5.93
CA SER A 40 -3.03 3.12 -6.50
C SER A 40 -3.91 4.10 -7.28
N SER A 41 -4.04 5.33 -6.78
CA SER A 41 -4.84 6.39 -7.43
C SER A 41 -4.28 6.78 -8.79
N SER A 42 -2.99 6.99 -8.83
CA SER A 42 -2.37 7.33 -10.09
C SER A 42 -2.48 6.19 -11.13
N LEU A 43 -2.26 4.95 -10.66
CA LEU A 43 -2.37 3.80 -11.55
C LEU A 43 -3.77 3.70 -12.12
N ALA A 44 -4.77 3.78 -11.26
CA ALA A 44 -6.16 3.70 -11.72
C ALA A 44 -6.52 4.75 -12.77
N ARG A 45 -6.05 5.98 -12.57
CA ARG A 45 -6.34 7.07 -13.46
C ARG A 45 -5.64 6.91 -14.80
N GLN A 46 -4.48 6.28 -14.75
CA GLN A 46 -3.77 5.93 -15.97
C GLN A 46 -4.51 4.88 -16.79
N ILE A 47 -4.94 3.82 -16.08
CA ILE A 47 -5.80 2.81 -16.72
C ILE A 47 -7.08 3.42 -17.35
N GLU A 48 -7.74 4.32 -16.61
CA GLU A 48 -8.93 5.02 -17.12
C GLU A 48 -8.62 5.80 -18.40
N ALA A 49 -7.45 6.44 -18.44
CA ALA A 49 -6.98 7.15 -19.62
C ALA A 49 -6.62 6.24 -20.82
N GLY A 50 -6.52 4.93 -20.58
CA GLY A 50 -6.32 4.00 -21.70
C GLY A 50 -5.04 3.21 -21.63
N ALA A 51 -4.23 3.40 -20.58
CA ALA A 51 -2.95 2.68 -20.43
C ALA A 51 -3.17 1.19 -20.57
N PRO A 52 -2.30 0.48 -21.32
CA PRO A 52 -2.48 -0.97 -21.43
C PRO A 52 -2.18 -1.62 -20.11
N ALA A 53 -3.17 -2.34 -19.62
CA ALA A 53 -3.08 -2.93 -18.32
C ALA A 53 -3.99 -4.12 -18.38
N ASP A 54 -3.47 -5.27 -17.99
CA ASP A 54 -4.25 -6.49 -17.97
C ASP A 54 -4.80 -6.75 -16.58
N LEU A 55 -4.04 -6.40 -15.57
CA LEU A 55 -4.38 -6.62 -14.17
C LEU A 55 -4.03 -5.40 -13.37
N PHE A 56 -4.83 -5.16 -12.33
CA PHE A 56 -4.62 -4.05 -11.39
C PHE A 56 -4.76 -4.50 -9.95
N ILE A 57 -3.76 -4.25 -9.14
CA ILE A 57 -3.84 -4.51 -7.70
C ILE A 57 -3.82 -3.17 -6.99
N SER A 58 -4.88 -2.86 -6.28
CA SER A 58 -4.98 -1.61 -5.51
C SER A 58 -4.72 -1.84 -4.04
N ALA A 59 -4.28 -0.81 -3.32
CA ALA A 59 -4.13 -0.87 -1.87
C ALA A 59 -5.38 -0.44 -1.11
N ASN A 60 -6.45 -0.12 -1.86
CA ASN A 60 -7.80 -0.05 -1.26
C ASN A 60 -8.89 -0.55 -2.19
N GLU A 61 -10.09 -0.77 -1.65
CA GLU A 61 -11.19 -1.26 -2.49
C GLU A 61 -11.68 -0.19 -3.45
N GLU A 62 -11.60 1.06 -3.00
CA GLU A 62 -12.16 2.20 -3.71
C GLU A 62 -11.57 2.34 -5.11
N TRP A 63 -10.25 2.27 -5.26
CA TRP A 63 -9.68 2.51 -6.58
C TRP A 63 -9.99 1.39 -7.56
N ALA A 64 -10.22 0.16 -7.07
CA ALA A 64 -10.61 -0.90 -7.98
C ALA A 64 -12.07 -0.73 -8.37
N ASN A 65 -12.90 -0.33 -7.40
CA ASN A 65 -14.30 -0.08 -7.69
C ASN A 65 -14.53 1.15 -8.60
N TYR A 66 -13.61 2.10 -8.56
CA TYR A 66 -13.56 3.21 -9.50
C TYR A 66 -13.56 2.70 -10.95
N LEU A 67 -12.70 1.73 -11.22
CA LEU A 67 -12.67 1.09 -12.53
C LEU A 67 -13.91 0.28 -12.87
N VAL A 68 -14.53 -0.34 -11.88
CA VAL A 68 -15.78 -1.04 -12.13
C VAL A 68 -16.85 -0.03 -12.52
N GLU A 69 -16.92 1.04 -11.74
CA GLU A 69 -17.92 2.08 -11.98
C GLU A 69 -17.81 2.72 -13.36
N LYS A 70 -16.56 2.86 -13.84
CA LYS A 70 -16.31 3.44 -15.16
C LYS A 70 -16.52 2.43 -16.29
N GLY A 71 -16.81 1.17 -15.96
CA GLY A 71 -17.12 0.18 -16.96
C GLY A 71 -15.91 -0.54 -17.55
N LEU A 72 -14.74 -0.37 -16.95
CA LEU A 72 -13.50 -0.97 -17.43
C LEU A 72 -13.18 -2.32 -16.82
N VAL A 73 -13.83 -2.66 -15.71
CA VAL A 73 -13.72 -3.96 -15.06
C VAL A 73 -15.13 -4.42 -14.75
N LYS A 74 -15.46 -5.68 -15.03
CA LYS A 74 -16.77 -6.20 -14.64
C LYS A 74 -16.76 -6.50 -13.13
N PRO A 75 -17.91 -6.32 -12.44
CA PRO A 75 -17.90 -6.40 -10.98
C PRO A 75 -17.45 -7.76 -10.43
N ASN A 76 -17.72 -8.84 -11.17
CA ASN A 76 -17.26 -10.17 -10.76
C ASN A 76 -15.83 -10.56 -11.16
N LYS A 77 -15.08 -9.61 -11.70
CA LYS A 77 -13.66 -9.83 -12.01
C LYS A 77 -12.73 -9.11 -11.04
N VAL A 78 -13.23 -8.76 -9.86
CA VAL A 78 -12.43 -8.20 -8.80
C VAL A 78 -12.50 -9.16 -7.63
N VAL A 79 -11.35 -9.52 -7.08
CA VAL A 79 -11.32 -10.44 -5.92
C VAL A 79 -10.34 -9.86 -4.91
N THR A 80 -10.53 -10.10 -3.62
CA THR A 80 -9.58 -9.54 -2.64
C THR A 80 -8.42 -10.51 -2.47
N LEU A 81 -7.22 -9.95 -2.54
CA LEU A 81 -6.00 -10.70 -2.55
C LEU A 81 -5.32 -10.82 -1.15
N ALA A 82 -5.38 -9.76 -0.37
CA ALA A 82 -4.54 -9.66 0.81
C ALA A 82 -5.03 -8.51 1.69
N ALA A 83 -4.52 -8.47 2.93
CA ALA A 83 -4.77 -7.36 3.83
C ALA A 83 -3.47 -6.87 4.42
N ASN A 84 -3.53 -5.73 5.11
CA ASN A 84 -2.33 -5.14 5.69
C ASN A 84 -2.73 -4.44 6.98
N SER A 85 -1.73 -3.90 7.68
CA SER A 85 -1.96 -3.00 8.79
C SER A 85 -1.09 -1.78 8.58
N LEU A 86 -1.36 -0.75 9.38
CA LEU A 86 -0.71 0.55 9.26
C LEU A 86 0.17 0.81 10.49
N VAL A 87 1.37 1.34 10.25
CA VAL A 87 2.33 1.58 11.29
C VAL A 87 2.96 2.97 11.21
N LEU A 88 3.46 3.37 12.38
CA LEU A 88 4.23 4.56 12.54
C LEU A 88 5.68 4.12 12.63
N ILE A 89 6.50 4.69 11.77
CA ILE A 89 7.93 4.38 11.73
C ILE A 89 8.82 5.60 12.00
N ARG A 90 10.06 5.29 12.38
CA ARG A 90 11.12 6.27 12.60
C ARG A 90 12.38 5.71 11.91
N PRO A 91 13.37 6.57 11.60
CA PRO A 91 14.66 6.05 11.13
C PRO A 91 15.33 5.32 12.27
N THR A 92 15.95 4.18 11.97
CA THR A 92 16.52 3.32 13.00
C THR A 92 17.59 4.06 13.79
N ALA A 93 18.32 4.93 13.10
CA ALA A 93 19.37 5.72 13.75
C ALA A 93 18.85 6.98 14.45
N GLN A 94 17.54 7.19 14.51
CA GLN A 94 16.96 8.33 15.23
C GLN A 94 15.91 7.82 16.20
N PRO A 95 16.31 7.63 17.47
CA PRO A 95 15.38 7.04 18.43
C PRO A 95 14.34 8.02 18.95
N VAL A 96 13.12 7.52 19.11
CA VAL A 96 12.03 8.27 19.70
C VAL A 96 11.21 7.23 20.46
N ALA A 97 11.09 7.40 21.77
CA ALA A 97 10.21 6.55 22.57
C ALA A 97 8.78 6.72 22.07
N SER A 98 7.98 5.67 22.18
CA SER A 98 6.56 5.76 21.84
C SER A 98 5.88 6.79 22.73
N PHE A 99 4.68 7.20 22.33
CA PHE A 99 3.94 8.21 23.05
C PHE A 99 2.46 8.01 22.82
N GLU A 100 1.66 8.81 23.52
CA GLU A 100 0.22 8.79 23.36
C GLU A 100 -0.13 9.39 22.00
N LEU A 101 -0.64 8.57 21.11
CA LEU A 101 -1.03 9.02 19.78
C LEU A 101 -2.05 10.16 19.80
N GLN A 102 -2.82 10.27 20.89
CA GLN A 102 -3.83 11.32 20.99
C GLN A 102 -3.27 12.59 21.62
N ASP A 103 -1.99 12.53 21.99
CA ASP A 103 -1.25 13.66 22.60
C ASP A 103 -0.55 14.45 21.49
N ALA A 104 -1.26 15.45 20.99
CA ALA A 104 -0.77 16.28 19.89
C ALA A 104 0.60 16.86 20.18
N ALA A 105 0.86 17.19 21.45
CA ALA A 105 2.14 17.75 21.86
C ALA A 105 3.29 16.75 21.76
N ALA A 106 3.00 15.46 21.96
CA ALA A 106 4.04 14.44 21.83
C ALA A 106 4.41 14.22 20.36
N TRP A 107 3.44 14.39 19.45
CA TRP A 107 3.71 14.38 18.02
C TRP A 107 4.62 15.55 17.63
N GLN A 108 4.36 16.75 18.15
CA GLN A 108 5.14 17.91 17.74
C GLN A 108 6.56 17.87 18.31
N THR A 109 6.73 17.21 19.45
CA THR A 109 8.05 16.98 20.04
C THR A 109 8.90 15.99 19.24
N ALA A 110 8.30 14.88 18.82
CA ALA A 110 8.99 13.90 17.98
C ALA A 110 9.33 14.46 16.60
N LEU A 111 8.42 15.22 16.03
CA LEU A 111 8.63 15.86 14.76
C LEU A 111 9.67 16.95 14.86
N ALA A 112 9.63 17.71 15.94
CA ALA A 112 10.61 18.77 16.10
C ALA A 112 10.45 19.74 14.93
N ASP A 113 11.52 19.91 14.15
CA ASP A 113 11.53 20.86 13.07
C ASP A 113 11.34 20.17 11.73
N SER A 114 10.92 18.92 11.76
CA SER A 114 10.71 18.12 10.55
C SER A 114 9.22 17.85 10.24
N ARG A 115 8.98 17.19 9.13
CA ARG A 115 7.64 16.82 8.68
C ARG A 115 7.34 15.32 8.76
N LEU A 116 6.07 14.98 8.96
CA LEU A 116 5.62 13.59 8.98
C LEU A 116 5.49 13.06 7.55
N ALA A 117 6.22 11.99 7.25
CA ALA A 117 6.17 11.40 5.91
C ALA A 117 4.91 10.58 5.74
N VAL A 118 4.11 10.95 4.74
CA VAL A 118 2.91 10.20 4.39
C VAL A 118 2.70 10.24 2.89
N ALA A 119 1.96 9.27 2.35
CA ALA A 119 1.54 9.36 0.95
C ALA A 119 0.40 10.39 0.84
N GLN A 120 0.19 10.92 -0.36
CA GLN A 120 -0.79 11.99 -0.59
C GLN A 120 -2.13 11.58 0.04
N VAL A 121 -2.61 12.41 0.97
CA VAL A 121 -3.70 12.02 1.87
C VAL A 121 -5.09 12.01 1.27
N ASP A 122 -5.25 12.65 0.12
CA ASP A 122 -6.56 12.73 -0.49
C ASP A 122 -6.84 11.58 -1.42
N ALA A 123 -5.80 10.98 -2.00
CA ALA A 123 -6.01 9.95 -3.02
C ALA A 123 -5.21 8.66 -2.89
N VAL A 124 -3.99 8.71 -2.35
CA VAL A 124 -3.19 7.49 -2.25
C VAL A 124 -3.65 6.68 -1.06
N PRO A 125 -3.93 5.36 -1.22
CA PRO A 125 -4.49 4.63 -0.07
C PRO A 125 -3.73 4.80 1.24
N ALA A 126 -2.40 4.72 1.20
CA ALA A 126 -1.65 4.84 2.45
C ALA A 126 -1.84 6.21 3.09
N GLY A 127 -1.95 7.25 2.27
CA GLY A 127 -2.28 8.60 2.78
C GLY A 127 -3.69 8.70 3.35
N MET A 128 -4.67 8.13 2.64
CA MET A 128 -6.06 8.13 3.11
C MET A 128 -6.18 7.39 4.46
N TYR A 129 -5.53 6.23 4.57
CA TYR A 129 -5.56 5.48 5.84
C TYR A 129 -4.84 6.27 6.93
N ALA A 130 -3.71 6.88 6.60
CA ALA A 130 -3.03 7.78 7.56
C ALA A 130 -3.90 8.90 8.09
N LYS A 131 -4.59 9.58 7.18
CA LYS A 131 -5.45 10.67 7.58
C LYS A 131 -6.56 10.18 8.50
N GLN A 132 -7.18 9.05 8.14
CA GLN A 132 -8.21 8.42 9.01
C GLN A 132 -7.67 8.18 10.42
N ALA A 133 -6.50 7.56 10.50
CA ALA A 133 -5.89 7.25 11.80
C ALA A 133 -5.56 8.48 12.62
N LEU A 134 -5.07 9.54 11.99
CA LEU A 134 -4.78 10.77 12.70
C LEU A 134 -6.04 11.51 13.13
N GLN A 135 -7.07 11.48 12.28
CA GLN A 135 -8.40 11.97 12.67
C GLN A 135 -8.92 11.21 13.90
N HIS A 136 -8.83 9.88 13.85
CA HIS A 136 -9.27 9.05 14.96
C HIS A 136 -8.53 9.36 16.25
N ALA A 137 -7.21 9.60 16.16
CA ALA A 137 -6.39 10.03 17.32
C ALA A 137 -6.73 11.43 17.86
N GLY A 138 -7.48 12.21 17.08
CA GLY A 138 -7.87 13.56 17.51
C GLY A 138 -6.75 14.58 17.35
N VAL A 139 -5.83 14.30 16.43
CA VAL A 139 -4.63 15.11 16.25
C VAL A 139 -4.45 15.62 14.81
N TRP A 140 -5.44 15.40 13.94
CA TRP A 140 -5.32 15.79 12.53
C TRP A 140 -5.18 17.30 12.33
N PRO A 141 -6.10 18.13 12.89
CA PRO A 141 -5.97 19.58 12.68
C PRO A 141 -4.58 20.17 13.00
N GLU A 142 -3.90 19.63 14.01
CA GLU A 142 -2.52 20.00 14.32
C GLU A 142 -1.46 19.51 13.32
N LEU A 143 -1.62 18.29 12.81
CA LEU A 143 -0.62 17.67 11.93
C LEU A 143 -0.86 17.95 10.45
N GLU A 144 -2.10 18.32 10.10
CA GLU A 144 -2.49 18.79 8.78
C GLU A 144 -1.38 19.61 8.08
N SER A 145 -0.79 20.54 8.82
CA SER A 145 0.17 21.48 8.25
C SER A 145 1.63 21.04 8.34
N ARG A 146 1.88 19.79 8.77
CA ARG A 146 3.23 19.30 9.10
C ARG A 146 3.52 18.01 8.36
N LEU A 147 2.92 17.81 7.20
CA LEU A 147 3.11 16.63 6.38
C LEU A 147 4.13 16.85 5.26
N ALA A 148 4.90 15.80 4.96
CA ALA A 148 5.64 15.70 3.71
C ALA A 148 4.93 14.64 2.90
N GLN A 149 4.11 15.07 1.94
CA GLN A 149 3.25 14.14 1.20
C GLN A 149 3.96 13.68 -0.05
N THR A 150 3.93 12.37 -0.27
CA THR A 150 4.62 11.74 -1.39
C THR A 150 3.63 11.06 -2.33
N ASN A 151 4.09 10.76 -3.56
CA ASN A 151 3.20 10.15 -4.55
C ASN A 151 2.83 8.67 -4.29
N ASN A 152 3.58 7.99 -3.43
CA ASN A 152 3.25 6.63 -3.03
C ASN A 152 3.91 6.31 -1.72
N VAL A 153 3.47 5.19 -1.12
CA VAL A 153 3.92 4.85 0.21
C VAL A 153 5.41 4.51 0.26
N ARG A 154 6.00 4.00 -0.82
CA ARG A 154 7.41 3.70 -0.80
C ARG A 154 8.27 4.96 -0.82
N LEU A 155 7.77 6.04 -1.41
CA LEU A 155 8.48 7.30 -1.38
C LEU A 155 8.42 7.91 0.02
N ALA A 156 7.29 7.67 0.71
CA ALA A 156 7.19 8.06 2.12
C ALA A 156 8.20 7.26 2.96
N LEU A 157 8.21 5.94 2.80
CA LEU A 157 9.23 5.11 3.44
C LEU A 157 10.65 5.64 3.22
N ALA A 158 11.00 6.01 1.98
CA ALA A 158 12.36 6.46 1.68
C ALA A 158 12.75 7.73 2.43
N LEU A 159 11.80 8.63 2.68
CA LEU A 159 12.08 9.87 3.44
C LEU A 159 12.54 9.54 4.87
N VAL A 160 11.89 8.52 5.43
CA VAL A 160 12.21 8.05 6.76
C VAL A 160 13.56 7.34 6.74
N GLU A 161 13.78 6.46 5.75
CA GLU A 161 15.06 5.77 5.58
C GLU A 161 16.23 6.74 5.48
N ARG A 162 16.03 7.83 4.75
CA ARG A 162 17.07 8.86 4.62
C ARG A 162 17.22 9.78 5.84
N GLY A 163 16.30 9.69 6.79
CA GLY A 163 16.35 10.52 7.97
C GLY A 163 15.82 11.91 7.75
N GLU A 164 15.13 12.15 6.63
CA GLU A 164 14.64 13.50 6.35
C GLU A 164 13.39 13.76 7.18
N SER A 165 12.59 12.70 7.35
CA SER A 165 11.45 12.71 8.26
C SER A 165 11.76 11.81 9.47
N PRO A 166 11.53 12.29 10.70
CA PRO A 166 11.74 11.47 11.88
C PRO A 166 10.60 10.56 12.20
N LEU A 167 9.44 10.77 11.58
CA LEU A 167 8.34 9.82 11.64
C LEU A 167 7.67 9.74 10.27
N GLY A 168 7.12 8.57 9.98
CA GLY A 168 6.29 8.40 8.82
C GLY A 168 5.25 7.35 9.06
N ILE A 169 4.25 7.34 8.20
CA ILE A 169 3.16 6.37 8.27
C ILE A 169 3.16 5.53 7.00
N VAL A 170 3.39 4.23 7.17
CA VAL A 170 3.49 3.30 6.09
C VAL A 170 2.75 2.03 6.47
N TYR A 171 2.76 1.03 5.58
CA TYR A 171 2.24 -0.27 5.96
C TYR A 171 3.26 -1.10 6.72
N LYS A 172 2.75 -2.04 7.49
CA LYS A 172 3.55 -3.03 8.21
C LYS A 172 4.52 -3.72 7.27
N THR A 173 4.05 -4.07 6.07
CA THR A 173 4.90 -4.77 5.10
C THR A 173 6.03 -3.90 4.59
N ASP A 174 5.85 -2.58 4.56
CA ASP A 174 6.91 -1.68 4.09
C ASP A 174 8.02 -1.64 5.15
N ALA A 175 7.63 -1.49 6.41
CA ALA A 175 8.60 -1.49 7.50
C ALA A 175 9.37 -2.81 7.59
N LEU A 176 8.65 -3.92 7.38
CA LEU A 176 9.23 -5.26 7.56
C LEU A 176 10.43 -5.52 6.65
N LEU A 177 10.41 -4.96 5.45
CA LEU A 177 11.47 -5.18 4.46
C LEU A 177 12.64 -4.21 4.58
N SER A 178 12.47 -3.15 5.38
CA SER A 178 13.51 -2.14 5.53
C SER A 178 14.24 -2.29 6.86
N ASP A 179 15.57 -2.29 6.83
CA ASP A 179 16.38 -2.28 8.06
C ASP A 179 16.72 -0.84 8.50
N LYS A 180 16.56 0.10 7.58
CA LYS A 180 16.80 1.51 7.86
C LYS A 180 15.71 2.16 8.73
N VAL A 181 14.56 1.49 8.90
CA VAL A 181 13.50 2.03 9.76
C VAL A 181 13.07 1.04 10.83
N THR A 182 12.49 1.60 11.89
CA THR A 182 11.97 0.84 13.01
C THR A 182 10.52 1.24 13.25
N ILE A 183 9.71 0.26 13.64
CA ILE A 183 8.32 0.52 14.01
C ILE A 183 8.23 1.12 15.41
N VAL A 184 7.56 2.27 15.50
CA VAL A 184 7.32 2.92 16.76
C VAL A 184 6.07 2.31 17.39
N THR A 185 5.01 2.19 16.60
CA THR A 185 3.78 1.57 17.05
C THR A 185 2.91 1.29 15.83
N ALA A 186 1.91 0.44 16.01
CA ALA A 186 0.95 0.14 14.98
C ALA A 186 -0.35 0.83 15.34
N PHE A 187 -1.04 1.33 14.33
CA PHE A 187 -2.36 1.95 14.53
C PHE A 187 -3.42 0.89 14.81
N SER A 188 -4.41 1.23 15.62
CA SER A 188 -5.47 0.27 15.98
C SER A 188 -6.40 -0.04 14.79
N ALA A 189 -7.05 -1.20 14.83
CA ALA A 189 -8.02 -1.57 13.82
C ALA A 189 -9.20 -0.58 13.73
N GLN A 190 -9.51 0.07 14.85
N GLN A 190 -9.52 0.05 14.84
CA GLN A 190 -10.59 1.03 14.92
CA GLN A 190 -10.63 1.01 14.88
C GLN A 190 -10.25 2.36 14.26
C GLN A 190 -10.25 2.38 14.31
N SER A 191 -8.97 2.59 14.03
CA SER A 191 -8.49 3.92 13.60
C SER A 191 -8.60 4.24 12.12
N HIS A 192 -8.82 3.24 11.28
CA HIS A 192 -8.95 3.43 9.84
C HIS A 192 -9.76 2.29 9.23
N GLN A 193 -10.17 2.44 7.99
CA GLN A 193 -10.81 1.37 7.29
C GLN A 193 -9.86 0.19 7.13
N PRO A 194 -10.38 -1.01 7.25
CA PRO A 194 -9.55 -2.19 7.03
C PRO A 194 -8.82 -2.13 5.69
N ILE A 195 -7.51 -2.35 5.72
CA ILE A 195 -6.67 -2.30 4.52
C ILE A 195 -6.78 -3.60 3.74
N ARG A 196 -7.28 -3.51 2.51
CA ARG A 196 -7.57 -4.67 1.70
C ARG A 196 -7.12 -4.35 0.28
N TYR A 197 -6.50 -5.34 -0.37
CA TYR A 197 -5.97 -5.23 -1.73
C TYR A 197 -6.80 -6.01 -2.73
N PRO A 198 -7.65 -5.33 -3.49
CA PRO A 198 -8.31 -6.04 -4.57
C PRO A 198 -7.40 -6.29 -5.77
N LEU A 199 -7.69 -7.37 -6.48
CA LEU A 199 -7.07 -7.70 -7.73
C LEU A 199 -8.16 -7.62 -8.78
N ALA A 200 -7.98 -6.73 -9.75
CA ALA A 200 -8.96 -6.53 -10.82
C ALA A 200 -8.43 -7.10 -12.13
N GLN A 201 -9.25 -7.87 -12.83
CA GLN A 201 -8.88 -8.44 -14.09
C GLN A 201 -9.54 -7.55 -15.16
N LEU A 202 -8.75 -6.89 -16.00
CA LEU A 202 -9.28 -5.85 -16.89
C LEU A 202 -9.72 -6.38 -18.28
N ASN A 203 -9.51 -7.67 -18.53
CA ASN A 203 -9.97 -8.28 -19.77
C ASN A 203 -10.09 -9.79 -19.58
N ASP A 204 -10.54 -10.48 -20.61
CA ASP A 204 -10.87 -11.88 -20.54
C ASP A 204 -9.79 -12.77 -21.17
N LYS A 205 -8.59 -12.24 -21.38
CA LYS A 205 -7.52 -13.03 -21.97
C LYS A 205 -7.25 -14.23 -21.10
N ALA A 206 -6.96 -15.36 -21.72
CA ALA A 206 -6.71 -16.60 -21.00
C ALA A 206 -5.54 -16.43 -20.06
N ALA A 207 -4.49 -15.76 -20.55
CA ALA A 207 -3.30 -15.51 -19.75
C ALA A 207 -3.62 -14.69 -18.50
N SER A 208 -4.51 -13.70 -18.60
CA SER A 208 -4.93 -12.89 -17.42
C SER A 208 -5.64 -13.81 -16.41
N ALA A 209 -6.49 -14.70 -16.91
CA ALA A 209 -7.23 -15.64 -16.05
C ALA A 209 -6.33 -16.64 -15.31
N GLU A 210 -5.32 -17.16 -16.00
CA GLU A 210 -4.35 -18.10 -15.39
C GLU A 210 -3.49 -17.39 -14.33
N TRP A 211 -3.10 -16.16 -14.59
CA TRP A 211 -2.39 -15.38 -13.56
C TRP A 211 -3.22 -15.20 -12.30
N VAL A 212 -4.48 -14.83 -12.50
CA VAL A 212 -5.41 -14.60 -11.39
C VAL A 212 -5.58 -15.90 -10.58
N ALA A 213 -5.73 -17.03 -11.27
CA ALA A 213 -5.85 -18.34 -10.61
C ALA A 213 -4.63 -18.61 -9.73
N TYR A 214 -3.44 -18.30 -10.25
CA TYR A 214 -2.23 -18.48 -9.47
C TYR A 214 -2.19 -17.53 -8.27
N LEU A 215 -2.56 -16.28 -8.47
CA LEU A 215 -2.51 -15.27 -7.35
C LEU A 215 -3.44 -15.62 -6.19
N ARG A 216 -4.53 -16.32 -6.51
CA ARG A 216 -5.52 -16.75 -5.52
CA ARG A 216 -5.51 -16.75 -5.51
C ARG A 216 -5.15 -18.12 -4.91
N SER A 217 -4.13 -18.78 -5.46
CA SER A 217 -3.72 -20.11 -5.01
C SER A 217 -2.91 -20.11 -3.72
N ASP A 218 -2.87 -21.26 -3.06
CA ASP A 218 -2.13 -21.43 -1.80
C ASP A 218 -0.66 -21.01 -1.95
N ALA A 219 -0.03 -21.39 -3.06
CA ALA A 219 1.37 -21.06 -3.33
C ALA A 219 1.61 -19.56 -3.30
N ALA A 220 0.72 -18.79 -3.92
CA ALA A 220 0.87 -17.34 -3.94
C ALA A 220 0.58 -16.76 -2.55
N GLN A 221 -0.41 -17.33 -1.88
CA GLN A 221 -0.78 -16.83 -0.56
C GLN A 221 0.36 -17.04 0.43
N GLN A 222 1.10 -18.15 0.28
CA GLN A 222 2.24 -18.40 1.18
C GLN A 222 3.32 -17.35 0.94
N ILE A 223 3.56 -16.99 -0.31
CA ILE A 223 4.52 -15.92 -0.61
C ILE A 223 4.07 -14.59 -0.02
N LEU A 224 2.81 -14.21 -0.24
CA LEU A 224 2.28 -12.98 0.36
C LEU A 224 2.43 -13.03 1.87
N GLN A 225 2.11 -14.14 2.52
CA GLN A 225 2.31 -14.24 4.00
C GLN A 225 3.77 -14.02 4.40
N ARG A 226 4.71 -14.51 3.61
CA ARG A 226 6.13 -14.38 3.95
C ARG A 226 6.64 -12.95 3.86
N PHE A 227 6.01 -12.16 2.99
CA PHE A 227 6.30 -10.73 2.85
C PHE A 227 5.52 -9.90 3.87
N GLY A 228 4.77 -10.58 4.74
CA GLY A 228 4.13 -9.93 5.87
C GLY A 228 2.69 -9.54 5.66
N PHE A 229 2.10 -9.87 4.52
CA PHE A 229 0.70 -9.55 4.29
C PHE A 229 -0.18 -10.47 5.13
N GLU A 230 -1.37 -9.98 5.42
CA GLU A 230 -2.38 -10.74 6.15
C GLU A 230 -3.30 -11.44 5.18
N SER A 231 -3.83 -12.59 5.59
CA SER A 231 -4.86 -13.28 4.83
C SER A 231 -6.21 -12.57 4.88
N VAL A 232 -7.08 -12.89 3.93
CA VAL A 232 -8.47 -12.46 3.99
C VAL A 232 -9.38 -13.68 3.95
N SER A 233 -10.44 -13.67 4.77
CA SER A 233 -11.25 -14.86 5.01
C SER A 233 -12.26 -15.13 3.90
W WO4 B . -0.01 2.64 -2.06
O1 WO4 B . 1.54 3.89 -2.38
O2 WO4 B . -1.13 3.05 -0.40
O3 WO4 B . -1.24 2.67 -3.70
O4 WO4 B . 0.72 0.72 -1.78
#